data_5M48
#
_entry.id   5M48
#
_cell.length_a   217.141
_cell.length_b   217.141
_cell.length_c   217.141
_cell.angle_alpha   90.00
_cell.angle_beta   90.00
_cell.angle_gamma   90.00
#
_symmetry.space_group_name_H-M   'F 41 3 2'
#
loop_
_entity.id
_entity.type
_entity.pdbx_description
1 polymer 'Regulator of Ty1 transposition protein 103'
2 water water
#
_entity_poly.entity_id   1
_entity_poly.type   'polypeptide(L)'
_entity_poly.pdbx_seq_one_letter_code
;(MSE)LVLPQKLKDFAKDYEKLVK(MSE)HHNVCA(MSE)K(MSE)RFDKSSDELDPSSSVYEENFKTISKIGN(MSE)A
KDIINESILKRESGIHKLQSTLDDEKRHLDEEQN(MSE)LSEIEFVLSAKDLEHHHHHH
;
_entity_poly.pdbx_strand_id   A
#
# COMPACT_ATOMS: atom_id res chain seq x y z
N MSE A 1 7.17 -20.44 6.07
CA MSE A 1 8.60 -20.19 5.89
C MSE A 1 8.86 -19.51 4.55
O MSE A 1 9.37 -20.12 3.62
CB MSE A 1 9.38 -21.50 5.98
CG MSE A 1 10.57 -21.46 6.94
SE MSE A 1 11.75 -19.93 6.68
CE MSE A 1 11.07 -18.78 8.10
N LEU A 2 8.50 -18.23 4.47
CA LEU A 2 8.83 -17.41 3.31
C LEU A 2 9.95 -16.44 3.68
N VAL A 3 11.00 -16.42 2.87
CA VAL A 3 12.14 -15.55 3.13
C VAL A 3 11.94 -14.19 2.47
N LEU A 4 11.90 -13.16 3.31
CA LEU A 4 11.56 -11.81 2.88
C LEU A 4 12.27 -10.76 3.71
N PRO A 5 12.30 -9.50 3.24
CA PRO A 5 12.76 -8.43 4.11
C PRO A 5 11.85 -8.29 5.31
N GLN A 6 12.37 -7.77 6.43
CA GLN A 6 11.56 -7.64 7.64
C GLN A 6 10.40 -6.66 7.42
N LYS A 7 10.66 -5.62 6.64
CA LYS A 7 9.64 -4.63 6.32
C LYS A 7 8.48 -5.24 5.55
N LEU A 8 8.78 -6.32 4.82
CA LEU A 8 7.78 -7.02 4.05
C LEU A 8 7.06 -8.06 4.92
N LYS A 9 7.77 -8.55 5.94
CA LYS A 9 7.15 -9.42 6.92
C LYS A 9 6.16 -8.62 7.76
N ASP A 10 6.51 -7.37 8.01
CA ASP A 10 5.63 -6.46 8.74
C ASP A 10 4.43 -6.08 7.90
N PHE A 11 4.64 -5.95 6.60
CA PHE A 11 3.57 -5.61 5.67
C PHE A 11 2.49 -6.68 5.64
N ALA A 12 2.90 -7.93 5.83
CA ALA A 12 1.97 -9.06 5.78
C ALA A 12 0.89 -8.97 6.86
N LYS A 13 1.17 -8.22 7.92
CA LYS A 13 0.27 -8.13 9.05
C LYS A 13 -0.92 -7.21 8.78
N ASP A 14 -0.64 -5.96 8.41
CA ASP A 14 -1.72 -5.02 8.13
C ASP A 14 -2.36 -5.28 6.77
N TYR A 15 -1.70 -6.10 5.95
CA TYR A 15 -2.30 -6.53 4.69
C TYR A 15 -3.35 -7.59 4.94
N GLU A 16 -3.09 -8.46 5.91
CA GLU A 16 -4.05 -9.48 6.31
C GLU A 16 -5.31 -8.83 6.86
N LYS A 17 -5.12 -7.85 7.73
CA LYS A 17 -6.22 -7.05 8.25
C LYS A 17 -6.96 -6.41 7.09
N LEU A 18 -6.20 -5.87 6.14
CA LEU A 18 -6.75 -5.21 4.96
C LEU A 18 -7.62 -6.15 4.14
N VAL A 19 -7.15 -7.38 3.94
CA VAL A 19 -7.87 -8.38 3.17
C VAL A 19 -9.14 -8.84 3.89
N LYS A 20 -9.03 -9.07 5.20
CA LYS A 20 -10.17 -9.54 5.98
C LYS A 20 -11.23 -8.46 6.12
N MSE A 21 -10.82 -7.20 6.08
CA MSE A 21 -11.74 -6.07 6.18
C MSE A 21 -12.61 -5.91 4.94
O MSE A 21 -13.75 -5.48 5.03
CB MSE A 21 -10.97 -4.77 6.40
CG MSE A 21 -10.51 -4.52 7.82
SE MSE A 21 -9.70 -2.76 7.98
CE MSE A 21 -11.28 -1.70 7.62
N HIS A 22 -12.05 -6.27 3.78
CA HIS A 22 -12.65 -5.98 2.48
C HIS A 22 -14.14 -6.34 2.37
N HIS A 23 -14.53 -7.44 2.99
CA HIS A 23 -15.93 -7.86 2.99
C HIS A 23 -16.82 -6.79 3.64
N ASN A 24 -16.44 -6.37 4.84
CA ASN A 24 -17.22 -5.39 5.58
C ASN A 24 -17.22 -4.01 4.93
N VAL A 25 -16.12 -3.68 4.27
CA VAL A 25 -16.00 -2.39 3.59
C VAL A 25 -16.98 -2.31 2.42
N CYS A 26 -16.98 -3.33 1.57
CA CYS A 26 -17.88 -3.37 0.42
C CYS A 26 -19.33 -3.59 0.84
N ALA A 27 -19.53 -4.29 1.95
CA ALA A 27 -20.87 -4.56 2.46
C ALA A 27 -21.52 -3.28 2.96
N MSE A 28 -20.77 -2.50 3.75
CA MSE A 28 -21.29 -1.27 4.31
C MSE A 28 -21.51 -0.24 3.21
O MSE A 28 -22.42 0.59 3.29
CB MSE A 28 -20.33 -0.72 5.36
CG MSE A 28 -20.99 0.23 6.34
SE MSE A 28 -22.28 -0.72 7.44
CE MSE A 28 -23.37 0.80 8.02
N LYS A 29 -20.68 -0.29 2.17
CA LYS A 29 -20.80 0.59 1.02
C LYS A 29 -22.11 0.35 0.28
N MSE A 30 -22.47 -0.92 0.13
CA MSE A 30 -23.70 -1.29 -0.57
C MSE A 30 -24.92 -1.04 0.32
O MSE A 30 -26.00 -0.73 -0.18
CB MSE A 30 -23.66 -2.75 -0.99
CG MSE A 30 -24.66 -3.11 -2.07
SE MSE A 30 -24.70 -5.02 -2.48
CE MSE A 30 -25.75 -4.95 -4.13
N ARG A 31 -24.73 -1.15 1.63
CA ARG A 31 -25.79 -0.86 2.58
C ARG A 31 -26.16 0.61 2.50
N PHE A 32 -25.17 1.43 2.17
CA PHE A 32 -25.38 2.86 1.98
C PHE A 32 -26.00 3.14 0.61
N ASP A 33 -25.50 2.45 -0.41
CA ASP A 33 -25.98 2.65 -1.77
C ASP A 33 -27.45 2.29 -1.91
N LYS A 34 -27.85 1.16 -1.32
CA LYS A 34 -29.25 0.74 -1.33
C LYS A 34 -30.13 1.73 -0.57
N SER A 35 -29.67 2.11 0.62
CA SER A 35 -30.41 3.06 1.45
C SER A 35 -30.57 4.40 0.74
N SER A 36 -29.57 4.77 -0.06
CA SER A 36 -29.61 6.01 -0.82
C SER A 36 -30.67 5.95 -1.92
N ASP A 37 -30.81 4.78 -2.53
CA ASP A 37 -31.78 4.60 -3.61
C ASP A 37 -33.22 4.59 -3.10
N GLU A 38 -33.42 4.04 -1.90
CA GLU A 38 -34.76 3.91 -1.34
C GLU A 38 -35.27 5.19 -0.70
N LEU A 39 -34.35 6.06 -0.28
CA LEU A 39 -34.72 7.28 0.41
C LEU A 39 -35.60 8.16 -0.46
N ASP A 40 -36.81 8.42 0.00
CA ASP A 40 -37.79 9.19 -0.76
C ASP A 40 -38.52 10.17 0.14
N PRO A 41 -38.38 11.48 -0.14
CA PRO A 41 -39.05 12.54 0.62
C PRO A 41 -40.57 12.42 0.59
N SER A 42 -41.10 11.79 -0.46
CA SER A 42 -42.55 11.61 -0.57
C SER A 42 -43.05 10.52 0.38
N SER A 43 -42.17 9.60 0.74
CA SER A 43 -42.51 8.46 1.59
C SER A 43 -42.98 8.88 2.99
N SER A 44 -43.47 7.90 3.74
CA SER A 44 -44.00 8.16 5.08
C SER A 44 -43.02 7.73 6.16
N VAL A 45 -41.98 7.02 5.75
CA VAL A 45 -40.91 6.62 6.66
C VAL A 45 -39.63 7.38 6.32
N TYR A 46 -39.79 8.50 5.63
CA TYR A 46 -38.68 9.28 5.11
C TYR A 46 -37.76 9.82 6.21
N GLU A 47 -38.34 10.57 7.15
CA GLU A 47 -37.57 11.18 8.22
C GLU A 47 -36.81 10.14 9.05
N GLU A 48 -37.41 8.96 9.21
CA GLU A 48 -36.75 7.87 9.92
C GLU A 48 -35.62 7.30 9.09
N ASN A 49 -35.87 7.12 7.80
CA ASN A 49 -34.85 6.62 6.88
C ASN A 49 -33.74 7.64 6.66
N PHE A 50 -34.09 8.92 6.75
CA PHE A 50 -33.12 9.99 6.58
C PHE A 50 -32.11 9.98 7.72
N LYS A 51 -32.58 9.71 8.93
CA LYS A 51 -31.70 9.61 10.08
C LYS A 51 -30.86 8.34 10.00
N THR A 52 -31.45 7.28 9.46
CA THR A 52 -30.78 5.99 9.33
C THR A 52 -29.64 6.05 8.32
N ILE A 53 -29.88 6.68 7.17
CA ILE A 53 -28.88 6.76 6.13
C ILE A 53 -27.67 7.59 6.57
N SER A 54 -27.87 8.42 7.60
CA SER A 54 -26.78 9.21 8.18
C SER A 54 -25.92 8.32 9.06
N LYS A 55 -26.57 7.44 9.81
CA LYS A 55 -25.85 6.45 10.62
C LYS A 55 -25.03 5.53 9.73
N ILE A 56 -25.68 5.03 8.68
CA ILE A 56 -25.03 4.14 7.72
C ILE A 56 -23.87 4.84 7.02
N GLY A 57 -24.08 6.10 6.66
CA GLY A 57 -23.06 6.89 6.00
C GLY A 57 -21.82 7.07 6.85
N ASN A 58 -22.02 7.53 8.08
CA ASN A 58 -20.91 7.71 9.02
C ASN A 58 -20.18 6.41 9.31
N MSE A 59 -20.95 5.33 9.42
CA MSE A 59 -20.40 4.02 9.71
C MSE A 59 -19.61 3.49 8.52
O MSE A 59 -18.63 2.76 8.69
CB MSE A 59 -21.51 3.05 10.07
CG MSE A 59 -21.15 2.06 11.17
SE MSE A 59 -22.75 1.43 12.08
CE MSE A 59 -23.53 3.15 12.57
N ALA A 60 -20.03 3.87 7.31
CA ALA A 60 -19.32 3.49 6.10
C ALA A 60 -18.05 4.30 5.95
N LYS A 61 -18.10 5.57 6.34
CA LYS A 61 -16.93 6.43 6.25
C LYS A 61 -15.87 6.01 7.27
N ASP A 62 -16.32 5.46 8.39
CA ASP A 62 -15.42 5.02 9.44
C ASP A 62 -14.64 3.76 9.04
N ILE A 63 -15.35 2.77 8.51
CA ILE A 63 -14.72 1.51 8.13
C ILE A 63 -13.81 1.70 6.92
N ILE A 64 -14.18 2.61 6.03
CA ILE A 64 -13.36 2.91 4.86
C ILE A 64 -12.08 3.64 5.26
N ASN A 65 -12.23 4.65 6.11
CA ASN A 65 -11.07 5.38 6.65
C ASN A 65 -10.17 4.46 7.47
N GLU A 66 -10.78 3.46 8.10
CA GLU A 66 -10.03 2.47 8.86
C GLU A 66 -9.22 1.59 7.92
N SER A 67 -9.76 1.35 6.73
CA SER A 67 -9.08 0.57 5.71
C SER A 67 -7.99 1.40 5.04
N ILE A 68 -8.29 2.68 4.82
CA ILE A 68 -7.33 3.61 4.22
C ILE A 68 -6.08 3.74 5.08
N LEU A 69 -6.26 3.81 6.38
CA LEU A 69 -5.16 3.93 7.33
C LEU A 69 -4.19 2.75 7.22
N LYS A 70 -4.73 1.54 7.32
CA LYS A 70 -3.93 0.32 7.16
C LYS A 70 -3.31 0.25 5.77
N ARG A 71 -4.01 0.79 4.79
CA ARG A 71 -3.54 0.79 3.41
C ARG A 71 -2.37 1.74 3.23
N GLU A 72 -2.51 2.95 3.75
CA GLU A 72 -1.44 3.95 3.69
C GLU A 72 -0.21 3.48 4.48
N SER A 73 -0.46 2.82 5.60
CA SER A 73 0.61 2.27 6.42
C SER A 73 1.37 1.17 5.69
N GLY A 74 0.62 0.31 5.00
CA GLY A 74 1.23 -0.78 4.25
C GLY A 74 1.98 -0.28 3.04
N ILE A 75 1.53 0.82 2.47
CA ILE A 75 2.19 1.43 1.32
C ILE A 75 3.56 1.96 1.69
N HIS A 76 3.67 2.56 2.87
CA HIS A 76 4.94 3.13 3.33
C HIS A 76 5.97 2.03 3.58
N LYS A 77 5.50 0.85 3.97
CA LYS A 77 6.37 -0.29 4.16
C LYS A 77 6.89 -0.78 2.81
N LEU A 78 6.02 -0.72 1.80
CA LEU A 78 6.40 -1.09 0.45
C LEU A 78 7.41 -0.10 -0.13
N GLN A 79 7.16 1.19 0.11
CA GLN A 79 8.08 2.23 -0.33
C GLN A 79 9.43 2.11 0.35
N SER A 80 9.41 1.77 1.64
CA SER A 80 10.64 1.58 2.41
C SER A 80 11.46 0.41 1.86
N THR A 81 10.80 -0.71 1.62
CA THR A 81 11.44 -1.89 1.08
C THR A 81 12.00 -1.61 -0.32
N LEU A 82 11.27 -0.82 -1.09
CA LEU A 82 11.68 -0.47 -2.44
C LEU A 82 12.94 0.39 -2.42
N ASP A 83 13.01 1.32 -1.46
CA ASP A 83 14.17 2.18 -1.31
C ASP A 83 15.41 1.36 -0.95
N ASP A 84 15.23 0.38 -0.07
CA ASP A 84 16.31 -0.50 0.33
C ASP A 84 16.85 -1.29 -0.85
N GLU A 85 15.95 -1.75 -1.71
CA GLU A 85 16.34 -2.52 -2.88
C GLU A 85 17.04 -1.65 -3.92
N LYS A 86 16.61 -0.41 -4.03
CA LYS A 86 17.23 0.52 -4.97
C LYS A 86 18.63 0.91 -4.51
N ARG A 87 18.86 0.86 -3.19
CA ARG A 87 20.17 1.16 -2.62
C ARG A 87 21.14 0.04 -2.89
N HIS A 88 20.68 -1.19 -2.66
CA HIS A 88 21.49 -2.37 -2.91
C HIS A 88 21.83 -2.43 -4.39
N LEU A 89 20.86 -2.08 -5.23
CA LEU A 89 21.07 -2.02 -6.68
C LEU A 89 22.11 -0.97 -7.03
N ASP A 90 21.98 0.21 -6.43
CA ASP A 90 22.89 1.32 -6.69
C ASP A 90 24.32 0.99 -6.28
N GLU A 91 24.46 0.24 -5.18
CA GLU A 91 25.77 -0.16 -4.70
C GLU A 91 26.39 -1.23 -5.60
N GLU A 92 25.56 -2.16 -6.06
CA GLU A 92 26.00 -3.20 -6.98
C GLU A 92 26.46 -2.59 -8.31
N GLN A 93 25.80 -1.52 -8.71
CA GLN A 93 26.16 -0.81 -9.93
C GLN A 93 27.45 -0.01 -9.73
N ASN A 94 27.69 0.40 -8.49
CA ASN A 94 28.93 1.10 -8.14
C ASN A 94 30.11 0.14 -8.17
N MSE A 95 29.90 -1.06 -7.67
CA MSE A 95 30.92 -2.10 -7.71
C MSE A 95 31.30 -2.44 -9.14
O MSE A 95 32.45 -2.75 -9.43
CB MSE A 95 30.45 -3.36 -6.97
CG MSE A 95 30.24 -3.19 -5.48
SE MSE A 95 29.74 -4.88 -4.62
CE MSE A 95 29.59 -4.26 -2.78
N LEU A 96 30.31 -2.37 -10.02
CA LEU A 96 30.52 -2.69 -11.43
C LEU A 96 31.37 -1.61 -12.09
N SER A 97 31.10 -0.35 -11.77
CA SER A 97 31.85 0.76 -12.32
C SER A 97 33.30 0.75 -11.84
N GLU A 98 33.49 0.49 -10.54
CA GLU A 98 34.82 0.45 -9.96
C GLU A 98 35.69 -0.62 -10.61
N ILE A 99 35.13 -1.82 -10.76
CA ILE A 99 35.86 -2.93 -11.39
C ILE A 99 36.32 -2.58 -12.78
N GLU A 100 35.40 -2.04 -13.58
CA GLU A 100 35.73 -1.64 -14.95
C GLU A 100 36.75 -0.51 -14.97
N PHE A 101 36.62 0.44 -14.05
CA PHE A 101 37.54 1.57 -14.00
C PHE A 101 38.92 1.15 -13.50
N VAL A 102 38.95 0.22 -12.55
CA VAL A 102 40.21 -0.32 -12.05
C VAL A 102 40.90 -1.13 -13.14
N LEU A 103 40.12 -1.93 -13.86
CA LEU A 103 40.64 -2.72 -14.98
C LEU A 103 41.18 -1.82 -16.08
N SER A 104 40.61 -0.62 -16.20
CA SER A 104 41.11 0.37 -17.13
C SER A 104 42.48 0.86 -16.67
N ALA A 105 42.61 1.06 -15.36
CA ALA A 105 43.87 1.51 -14.77
C ALA A 105 44.96 0.45 -14.92
N LYS A 106 44.58 -0.81 -14.75
CA LYS A 106 45.53 -1.90 -14.88
C LYS A 106 46.00 -2.06 -16.31
N ASP A 107 45.09 -1.89 -17.26
CA ASP A 107 45.41 -1.99 -18.68
C ASP A 107 46.34 -0.86 -19.12
N LEU A 108 46.08 0.33 -18.63
CA LEU A 108 46.92 1.49 -18.94
C LEU A 108 48.32 1.28 -18.38
N GLU A 109 48.39 0.83 -17.13
CA GLU A 109 49.64 0.51 -16.47
C GLU A 109 50.40 -0.57 -17.23
N HIS A 110 49.66 -1.55 -17.74
CA HIS A 110 50.25 -2.66 -18.48
C HIS A 110 50.75 -2.21 -19.86
N HIS A 111 50.32 -1.03 -20.28
CA HIS A 111 50.70 -0.51 -21.59
C HIS A 111 51.96 0.35 -21.50
N HIS A 112 52.03 1.19 -20.46
CA HIS A 112 53.21 2.03 -20.24
C HIS A 112 54.42 1.17 -19.88
N HIS A 113 54.17 -0.08 -19.54
CA HIS A 113 55.22 -1.04 -19.23
C HIS A 113 55.95 -1.45 -20.51
N HIS A 114 55.26 -1.34 -21.63
CA HIS A 114 55.80 -1.74 -22.93
C HIS A 114 56.11 -0.55 -23.81
#